data_5JSI
#
_entry.id   5JSI
#
_cell.length_a   40.793
_cell.length_b   56.771
_cell.length_c   57.286
_cell.angle_alpha   63.61
_cell.angle_beta   78.48
_cell.angle_gamma   80.21
#
_symmetry.space_group_name_H-M   'P 1'
#
loop_
_entity.id
_entity.type
_entity.pdbx_description
1 polymer Bacteriorhodopsin
2 non-polymer EICOSANE
3 non-polymer 'IODIDE ION'
4 non-polymer '(2R)-2,3-dihydroxypropyl (9Z)-octadec-9-enoate'
5 non-polymer RETINAL
6 water water
#
_entity_poly.entity_id   1
_entity_poly.type   'polypeptide(L)'
_entity_poly.pdbx_seq_one_letter_code
;MEELTYRLFMVATVGMLAGTVFLLASSREVKPEHRRGVYISALVCGIAWYHYQKMGASWESGSYDTGLRYVDWVLTVPLM
FVEVLAVTRKGAAYNEAVRNWGIAATVMIGAGYYGETSAAGSNEYWTGFVIAMATYVWLMRNLQAEGEGLKGDQAVAFEN
IKNLILVGWIIYPLGYIAPVVGDFDAIREVLYTIADIINKVGLGVLVLQMARVQSGEKVS
;
_entity_poly.pdbx_strand_id   A,B
#
loop_
_chem_comp.id
_chem_comp.type
_chem_comp.name
_chem_comp.formula
IOD non-polymer 'IODIDE ION' 'I -1'
LFA non-polymer EICOSANE 'C20 H42'
OLC non-polymer '(2R)-2,3-dihydroxypropyl (9Z)-octadec-9-enoate' 'C21 H40 O4'
RET non-polymer RETINAL 'C20 H28 O'
#
# COMPACT_ATOMS: atom_id res chain seq x y z
N GLU A 2 4.43 5.82 29.67
CA GLU A 2 4.89 4.64 28.86
C GLU A 2 3.78 3.61 28.65
N GLU A 3 3.05 3.31 29.74
CA GLU A 3 2.01 2.26 29.78
C GLU A 3 0.74 2.68 29.07
N LEU A 4 0.29 3.89 29.35
CA LEU A 4 -0.78 4.51 28.57
C LEU A 4 -0.43 4.52 27.06
N THR A 5 0.82 4.82 26.71
CA THR A 5 1.17 4.94 25.30
C THR A 5 0.97 3.61 24.61
N TYR A 6 1.43 2.55 25.27
CA TYR A 6 1.25 1.19 24.79
C TYR A 6 -0.25 0.86 24.69
N ARG A 7 -1.00 1.16 25.77
CA ARG A 7 -2.42 0.97 25.81
C ARG A 7 -3.10 1.63 24.58
N LEU A 8 -2.79 2.88 24.33
CA LEU A 8 -3.36 3.61 23.20
C LEU A 8 -3.03 3.02 21.84
N PHE A 9 -1.82 2.51 21.71
CA PHE A 9 -1.42 1.83 20.47
C PHE A 9 -2.32 0.65 20.14
N MET A 10 -2.60 -0.12 21.16
CA MET A 10 -3.51 -1.24 21.07
C MET A 10 -4.96 -0.81 20.77
N VAL A 11 -5.41 0.25 21.45
CA VAL A 11 -6.71 0.76 21.14
C VAL A 11 -6.81 1.25 19.68
N ALA A 12 -5.77 1.96 19.23
CA ALA A 12 -5.73 2.44 17.85
C ALA A 12 -5.80 1.32 16.89
N THR A 13 -5.03 0.29 17.17
CA THR A 13 -5.02 -0.88 16.30
C THR A 13 -6.43 -1.39 16.16
N VAL A 14 -7.15 -1.52 17.29
CA VAL A 14 -8.52 -2.06 17.19
C VAL A 14 -9.42 -1.07 16.43
N GLY A 15 -9.33 0.20 16.81
CA GLY A 15 -10.13 1.22 16.15
C GLY A 15 -9.88 1.33 14.67
N MET A 16 -8.63 1.17 14.23
CA MET A 16 -8.39 1.27 12.79
C MET A 16 -8.99 0.07 12.04
N LEU A 17 -8.86 -1.10 12.64
CA LEU A 17 -9.44 -2.28 12.03
C LEU A 17 -10.93 -2.14 11.96
N ALA A 18 -11.52 -1.70 13.06
CA ALA A 18 -12.95 -1.51 13.09
C ALA A 18 -13.36 -0.61 11.97
N GLY A 19 -12.58 0.45 11.76
CA GLY A 19 -12.93 1.40 10.73
C GLY A 19 -12.82 0.76 9.37
N THR A 20 -11.72 0.06 9.14
CA THR A 20 -11.56 -0.61 7.85
C THR A 20 -12.78 -1.49 7.49
N VAL A 21 -13.15 -2.35 8.43
CA VAL A 21 -14.29 -3.30 8.18
C VAL A 21 -15.63 -2.55 8.06
N PHE A 22 -15.79 -1.47 8.83
CA PHE A 22 -16.99 -0.66 8.71
C PHE A 22 -17.13 -0.11 7.30
N LEU A 23 -16.04 0.45 6.78
CA LEU A 23 -16.10 1.14 5.51
C LEU A 23 -16.25 0.11 4.34
N LEU A 24 -15.49 -0.97 4.38
CA LEU A 24 -15.70 -2.09 3.44
C LEU A 24 -17.14 -2.67 3.48
N ALA A 25 -17.65 -2.95 4.67
CA ALA A 25 -19.04 -3.40 4.79
C ALA A 25 -19.98 -2.34 4.20
N SER A 26 -19.78 -1.09 4.59
CA SER A 26 -20.68 -0.02 4.16
C SER A 26 -20.62 0.33 2.67
N SER A 27 -19.53 -0.03 1.96
CA SER A 27 -19.32 0.30 0.54
C SER A 27 -20.43 -0.19 -0.39
N ARG A 28 -21.13 -1.26 -0.01
CA ARG A 28 -22.23 -1.82 -0.82
C ARG A 28 -23.47 -0.93 -0.75
N GLU A 29 -23.58 -0.16 0.34
CA GLU A 29 -24.70 0.72 0.52
C GLU A 29 -24.68 1.98 -0.38
N VAL A 30 -23.60 2.24 -1.11
CA VAL A 30 -23.56 3.34 -2.12
C VAL A 30 -23.33 2.83 -3.59
N LYS A 31 -23.70 3.64 -4.58
CA LYS A 31 -23.62 3.26 -5.98
C LYS A 31 -22.15 3.05 -6.40
N PRO A 32 -21.87 2.10 -7.33
CA PRO A 32 -20.51 1.83 -7.83
C PRO A 32 -19.70 3.06 -8.19
N GLU A 33 -20.33 3.99 -8.91
CA GLU A 33 -19.73 5.31 -9.26
C GLU A 33 -19.26 6.21 -8.08
N HIS A 34 -19.64 5.92 -6.85
CA HIS A 34 -19.19 6.77 -5.71
C HIS A 34 -18.47 5.94 -4.66
N ARG A 35 -18.06 4.71 -4.99
CA ARG A 35 -17.44 3.84 -4.00
C ARG A 35 -15.93 4.06 -3.83
N ARG A 36 -15.30 4.66 -4.81
CA ARG A 36 -13.83 4.75 -4.87
C ARG A 36 -13.26 5.37 -3.55
N GLY A 37 -13.78 6.54 -3.21
CA GLY A 37 -13.39 7.25 -1.99
C GLY A 37 -13.60 6.42 -0.76
N VAL A 38 -14.68 5.63 -0.74
CA VAL A 38 -14.93 4.74 0.40
C VAL A 38 -13.84 3.64 0.49
N TYR A 39 -13.47 3.11 -0.69
CA TYR A 39 -12.48 2.04 -0.76
C TYR A 39 -11.11 2.57 -0.30
N ILE A 40 -10.76 3.75 -0.76
CA ILE A 40 -9.49 4.33 -0.37
C ILE A 40 -9.47 4.62 1.16
N SER A 41 -10.58 5.07 1.69
CA SER A 41 -10.69 5.27 3.11
C SER A 41 -10.49 4.01 3.92
N ALA A 42 -11.04 2.89 3.46
CA ALA A 42 -10.81 1.59 4.10
C ALA A 42 -9.34 1.24 3.99
N LEU A 43 -8.75 1.53 2.83
CA LEU A 43 -7.27 1.21 2.63
C LEU A 43 -6.47 1.99 3.64
N VAL A 44 -6.80 3.29 3.74
CA VAL A 44 -6.13 4.18 4.69
C VAL A 44 -6.14 3.62 6.10
N CYS A 45 -7.32 3.19 6.56
CA CYS A 45 -7.46 2.56 7.89
C CYS A 45 -6.71 1.26 8.04
N GLY A 46 -6.73 0.45 7.00
CA GLY A 46 -5.96 -0.78 6.98
C GLY A 46 -4.46 -0.62 7.10
N ILE A 47 -3.92 0.35 6.39
CA ILE A 47 -2.48 0.67 6.53
C ILE A 47 -2.16 1.08 7.95
N ALA A 48 -2.96 1.99 8.54
CA ALA A 48 -2.71 2.42 9.91
C ALA A 48 -2.89 1.29 10.88
N TRP A 49 -3.90 0.44 10.65
CA TRP A 49 -4.02 -0.79 11.49
C TRP A 49 -2.69 -1.58 11.58
N TYR A 50 -2.15 -1.83 10.42
CA TYR A 50 -0.90 -2.56 10.32
C TYR A 50 0.26 -1.83 11.06
N HIS A 51 0.43 -0.52 10.78
CA HIS A 51 1.52 0.23 11.39
C HIS A 51 1.35 0.31 12.90
N TYR A 52 0.10 0.44 13.39
CA TYR A 52 -0.09 0.54 14.85
C TYR A 52 0.20 -0.73 15.60
N GLN A 53 -0.10 -1.87 15.00
CA GLN A 53 0.42 -3.12 15.54
C GLN A 53 1.95 -3.11 15.65
N LYS A 54 2.65 -2.70 14.59
CA LYS A 54 4.15 -2.58 14.63
C LYS A 54 4.62 -1.51 15.61
N MET A 55 3.88 -0.40 15.71
CA MET A 55 4.26 0.60 16.69
C MET A 55 4.12 0.08 18.12
N GLY A 56 3.06 -0.69 18.37
CA GLY A 56 2.86 -1.29 19.68
C GLY A 56 4.00 -2.21 20.05
N ALA A 57 4.29 -3.14 19.15
CA ALA A 57 5.32 -4.12 19.38
C ALA A 57 6.71 -3.43 19.59
N SER A 58 7.00 -2.45 18.74
CA SER A 58 8.17 -1.55 18.86
C SER A 58 8.27 -0.82 20.20
N TRP A 59 7.14 -0.31 20.69
CA TRP A 59 7.11 0.36 22.00
C TRP A 59 7.45 -0.58 23.16
N GLU A 60 6.94 -1.82 23.11
CA GLU A 60 7.26 -2.85 24.11
C GLU A 60 8.75 -3.21 24.12
N SER A 61 9.42 -3.14 22.96
CA SER A 61 10.89 -3.38 22.86
C SER A 61 11.69 -2.55 23.87
N GLY A 62 11.24 -1.30 24.09
CA GLY A 62 11.98 -0.28 24.83
C GLY A 62 12.47 0.72 23.81
N SER A 63 13.18 0.22 22.79
CA SER A 63 13.74 1.02 21.70
C SER A 63 12.70 1.18 20.59
N TYR A 64 11.87 2.22 20.75
CA TYR A 64 10.78 2.59 19.83
C TYR A 64 11.27 3.33 18.57
N ASP A 65 10.96 2.75 17.41
CA ASP A 65 11.30 3.32 16.11
C ASP A 65 10.30 4.43 15.68
N THR A 66 10.71 5.67 15.90
CA THR A 66 9.98 6.90 15.52
C THR A 66 9.69 7.08 14.02
N GLY A 67 10.47 6.42 13.17
CA GLY A 67 10.22 6.37 11.72
C GLY A 67 8.96 5.63 11.27
N LEU A 68 8.51 4.67 12.07
CA LEU A 68 7.31 3.93 11.72
C LEU A 68 6.11 4.87 11.51
N ARG A 69 6.01 5.85 12.38
CA ARG A 69 4.97 6.88 12.26
C ARG A 69 5.06 7.56 10.93
N TYR A 70 6.29 7.95 10.53
CA TYR A 70 6.42 8.64 9.28
C TYR A 70 6.22 7.76 8.10
N VAL A 71 6.57 6.46 8.23
CA VAL A 71 6.25 5.52 7.16
C VAL A 71 4.73 5.48 6.95
N ASP A 72 3.95 5.48 8.03
CA ASP A 72 2.48 5.46 7.89
C ASP A 72 1.99 6.74 7.27
N TRP A 73 2.48 7.88 7.78
CA TRP A 73 2.03 9.17 7.26
C TRP A 73 2.32 9.30 5.80
N VAL A 74 3.53 8.93 5.40
CA VAL A 74 3.86 9.17 3.97
C VAL A 74 2.94 8.38 3.04
N LEU A 75 2.46 7.24 3.50
CA LEU A 75 1.48 6.50 2.67
C LEU A 75 0.07 7.01 2.80
N THR A 76 -0.35 7.26 4.04
CA THR A 76 -1.75 7.58 4.28
C THR A 76 -2.16 9.03 3.98
N VAL A 77 -1.28 9.99 4.27
CA VAL A 77 -1.60 11.41 4.06
C VAL A 77 -1.96 11.72 2.63
N PRO A 78 -1.10 11.29 1.68
CA PRO A 78 -1.56 11.41 0.27
C PRO A 78 -2.85 10.68 -0.03
N LEU A 79 -3.05 9.47 0.47
CA LEU A 79 -4.30 8.76 0.18
C LEU A 79 -5.47 9.50 0.77
N MET A 80 -5.31 10.15 1.92
CA MET A 80 -6.48 10.88 2.45
C MET A 80 -6.92 12.00 1.54
N PHE A 81 -5.96 12.73 0.97
CA PHE A 81 -6.32 13.71 -0.06
C PHE A 81 -7.02 13.08 -1.27
N VAL A 82 -6.58 11.89 -1.64
CA VAL A 82 -7.15 11.16 -2.75
C VAL A 82 -8.59 10.77 -2.45
N GLU A 83 -8.82 10.23 -1.27
CA GLU A 83 -10.20 9.84 -0.92
C GLU A 83 -11.16 11.03 -0.91
N VAL A 84 -10.62 12.21 -0.56
CA VAL A 84 -11.36 13.46 -0.68
C VAL A 84 -11.62 13.84 -2.15
N LEU A 85 -10.58 13.84 -2.95
CA LEU A 85 -10.76 14.20 -4.38
C LEU A 85 -11.65 13.15 -5.11
N ALA A 86 -11.65 11.90 -4.66
CA ALA A 86 -12.57 10.89 -5.24
C ALA A 86 -14.06 11.24 -5.12
N VAL A 87 -14.45 12.02 -4.10
CA VAL A 87 -15.85 12.47 -3.95
C VAL A 87 -16.08 13.92 -4.39
N THR A 88 -15.04 14.64 -4.77
CA THR A 88 -15.23 15.99 -5.31
C THR A 88 -14.86 16.07 -6.78
N ARG A 89 -14.37 14.98 -7.36
CA ARG A 89 -13.84 15.02 -8.73
C ARG A 89 -13.92 13.67 -9.42
N LYS A 90 -13.88 13.70 -10.76
CA LYS A 90 -13.83 12.49 -11.57
C LYS A 90 -13.05 12.83 -12.83
N GLY A 91 -12.76 11.83 -13.67
CA GLY A 91 -12.11 12.04 -14.95
C GLY A 91 -10.70 12.59 -14.89
N ALA A 92 -10.38 13.52 -15.79
CA ALA A 92 -9.04 14.11 -15.89
C ALA A 92 -8.68 14.88 -14.63
N ALA A 93 -9.52 15.84 -14.29
CA ALA A 93 -9.36 16.72 -13.11
C ALA A 93 -8.96 15.95 -11.83
N TYR A 94 -9.71 14.90 -11.55
CA TYR A 94 -9.34 13.99 -10.49
C TYR A 94 -7.88 13.54 -10.60
N ASN A 95 -7.47 13.07 -11.79
CA ASN A 95 -6.13 12.42 -11.98
C ASN A 95 -4.97 13.38 -11.78
N GLU A 96 -5.19 14.60 -12.22
CA GLU A 96 -4.32 15.75 -12.03
C GLU A 96 -4.18 16.24 -10.59
N ALA A 97 -5.32 16.31 -9.91
CA ALA A 97 -5.35 16.75 -8.53
C ALA A 97 -4.66 15.72 -7.69
N VAL A 98 -4.86 14.46 -8.05
CA VAL A 98 -4.27 13.31 -7.36
C VAL A 98 -2.76 13.33 -7.43
N ARG A 99 -2.23 13.59 -8.62
CA ARG A 99 -0.80 13.69 -8.84
C ARG A 99 -0.23 14.84 -8.02
N ASN A 100 -0.81 16.01 -8.21
CA ASN A 100 -0.26 17.21 -7.65
C ASN A 100 -0.41 17.37 -6.12
N TRP A 101 -1.59 17.06 -5.61
CA TRP A 101 -1.81 17.13 -4.16
C TRP A 101 -1.06 15.99 -3.54
N GLY A 102 -0.97 14.84 -4.24
CA GLY A 102 -0.22 13.69 -3.75
C GLY A 102 1.24 14.00 -3.53
N ILE A 103 1.83 14.61 -4.56
CA ILE A 103 3.22 15.05 -4.53
C ILE A 103 3.39 16.00 -3.38
N ALA A 104 2.57 17.03 -3.40
CA ALA A 104 2.60 18.02 -2.31
C ALA A 104 2.56 17.38 -0.91
N ALA A 105 1.66 16.42 -0.71
CA ALA A 105 1.52 15.72 0.60
C ALA A 105 2.71 14.89 0.97
N THR A 106 3.27 14.26 -0.04
CA THR A 106 4.47 13.52 0.12
C THR A 106 5.66 14.36 0.54
N VAL A 107 5.80 15.50 -0.10
CA VAL A 107 6.82 16.47 0.23
C VAL A 107 6.67 17.01 1.64
N MET A 108 5.44 17.37 2.01
CA MET A 108 5.15 17.79 3.38
C MET A 108 5.70 16.76 4.41
N ILE A 109 5.36 15.48 4.24
CA ILE A 109 5.79 14.49 5.24
C ILE A 109 7.31 14.27 5.19
N GLY A 110 7.85 14.27 3.99
CA GLY A 110 9.32 14.19 3.74
C GLY A 110 10.11 15.29 4.42
N ALA A 111 9.66 16.55 4.26
CA ALA A 111 10.24 17.67 4.97
C ALA A 111 10.18 17.50 6.45
N GLY A 112 9.02 16.96 6.90
CA GLY A 112 8.83 16.70 8.30
C GLY A 112 9.88 15.73 8.79
N TYR A 113 10.03 14.62 8.05
CA TYR A 113 10.94 13.59 8.43
C TYR A 113 12.40 14.11 8.48
N TYR A 114 12.83 14.76 7.40
CA TYR A 114 14.10 15.50 7.37
C TYR A 114 14.35 16.30 8.61
N GLY A 115 13.36 17.06 9.05
CA GLY A 115 13.56 17.90 10.20
C GLY A 115 13.49 17.15 11.51
N GLU A 116 12.62 16.15 11.56
CA GLU A 116 12.41 15.31 12.75
C GLU A 116 13.69 14.49 13.02
N THR A 117 14.35 14.03 11.96
CA THR A 117 15.59 13.25 12.16
C THR A 117 16.88 14.08 12.45
N SER A 118 16.75 15.23 13.09
CA SER A 118 17.93 16.03 13.42
C SER A 118 17.68 16.57 14.79
N ALA A 119 18.62 17.36 15.28
CA ALA A 119 18.47 17.97 16.58
C ALA A 119 17.35 19.00 16.54
N ALA A 120 16.51 18.94 17.55
CA ALA A 120 15.52 19.94 17.83
C ALA A 120 16.18 21.32 17.91
N GLY A 121 15.54 22.32 17.34
CA GLY A 121 16.15 23.64 17.21
C GLY A 121 17.16 23.78 16.10
N SER A 122 17.70 22.68 15.57
CA SER A 122 18.78 22.78 14.62
C SER A 122 18.25 23.42 13.38
N ASN A 123 19.20 23.80 12.53
CA ASN A 123 18.94 24.29 11.20
C ASN A 123 18.03 23.36 10.34
N GLU A 124 18.37 22.08 10.36
CA GLU A 124 17.68 21.03 9.65
C GLU A 124 16.20 20.95 10.09
N TYR A 125 16.04 21.01 11.38
CA TYR A 125 14.76 21.08 12.05
C TYR A 125 13.90 22.20 11.57
N TRP A 126 14.40 23.44 11.64
CA TRP A 126 13.63 24.58 11.16
C TRP A 126 13.36 24.54 9.66
N THR A 127 14.28 24.02 8.85
CA THR A 127 14.05 23.95 7.40
C THR A 127 12.88 23.02 7.01
N GLY A 128 12.87 21.88 7.72
CA GLY A 128 11.86 20.81 7.56
C GLY A 128 10.56 21.42 7.93
N PHE A 129 10.54 22.12 9.06
CA PHE A 129 9.31 22.77 9.47
C PHE A 129 8.74 23.75 8.46
N VAL A 130 9.56 24.69 7.97
CA VAL A 130 9.10 25.71 7.06
C VAL A 130 8.57 25.13 5.78
N ILE A 131 9.34 24.25 5.16
CA ILE A 131 8.92 23.55 3.94
C ILE A 131 7.60 22.73 4.14
N ALA A 132 7.52 21.98 5.22
CA ALA A 132 6.29 21.22 5.52
C ALA A 132 5.09 22.12 5.80
N MET A 133 5.31 23.17 6.56
CA MET A 133 4.25 24.16 6.82
C MET A 133 3.72 24.87 5.60
N ALA A 134 4.63 25.21 4.68
CA ALA A 134 4.18 25.92 3.49
C ALA A 134 3.32 25.02 2.67
N THR A 135 3.76 23.79 2.53
CA THR A 135 3.06 22.74 1.83
C THR A 135 1.67 22.40 2.48
N TYR A 136 1.64 22.37 3.80
CA TYR A 136 0.43 22.21 4.60
C TYR A 136 -0.57 23.32 4.27
N VAL A 137 -0.05 24.55 4.26
CA VAL A 137 -0.85 25.73 4.00
C VAL A 137 -1.39 25.69 2.58
N TRP A 138 -0.54 25.35 1.63
CA TRP A 138 -0.98 25.23 0.24
C TRP A 138 -2.13 24.22 0.10
N LEU A 139 -1.95 23.04 0.70
CA LEU A 139 -2.97 21.99 0.76
C LEU A 139 -4.32 22.45 1.36
N MET A 140 -4.27 23.07 2.51
CA MET A 140 -5.49 23.54 3.19
C MET A 140 -6.21 24.60 2.34
N ARG A 141 -5.42 25.43 1.70
CA ARG A 141 -5.94 26.47 0.81
C ARG A 141 -6.57 25.78 -0.40
N ASN A 142 -5.91 24.76 -0.94
CA ASN A 142 -6.52 23.98 -2.00
C ASN A 142 -7.87 23.33 -1.54
N LEU A 143 -7.87 22.81 -0.31
CA LEU A 143 -9.04 22.12 0.25
C LEU A 143 -10.27 23.02 0.37
N GLN A 144 -10.06 24.19 0.98
CA GLN A 144 -11.00 25.31 0.99
C GLN A 144 -11.61 25.63 -0.39
N ALA A 145 -10.78 25.67 -1.43
CA ALA A 145 -11.22 26.14 -2.73
C ALA A 145 -12.15 25.11 -3.38
N GLU A 146 -11.90 23.86 -3.02
CA GLU A 146 -12.61 22.69 -3.52
C GLU A 146 -14.11 22.68 -3.32
N GLY A 147 -14.61 23.35 -2.30
CA GLY A 147 -16.04 23.35 -2.07
C GLY A 147 -16.85 24.25 -2.98
N GLU A 148 -16.19 25.19 -3.64
CA GLU A 148 -16.85 26.20 -4.48
C GLU A 148 -17.74 25.57 -5.59
N GLY A 149 -18.98 26.00 -5.67
CA GLY A 149 -19.92 25.46 -6.65
C GLY A 149 -20.84 24.39 -6.10
N LEU A 150 -20.48 23.82 -4.95
CA LEU A 150 -21.36 22.83 -4.31
C LEU A 150 -22.59 23.54 -3.76
N LYS A 151 -23.70 22.83 -3.82
CA LYS A 151 -24.97 23.32 -3.32
C LYS A 151 -25.56 22.30 -2.40
N GLY A 152 -26.48 22.80 -1.58
CA GLY A 152 -27.37 22.00 -0.74
C GLY A 152 -26.65 20.96 0.07
N ASP A 153 -27.14 19.71 0.07
CA ASP A 153 -26.60 18.61 0.89
C ASP A 153 -25.13 18.22 0.61
N GLN A 154 -24.68 18.31 -0.64
CA GLN A 154 -23.27 18.12 -0.95
C GLN A 154 -22.36 19.21 -0.32
N ALA A 155 -22.80 20.47 -0.35
CA ALA A 155 -22.01 21.55 0.21
C ALA A 155 -21.86 21.31 1.72
N VAL A 156 -22.92 20.81 2.35
CA VAL A 156 -22.94 20.54 3.81
C VAL A 156 -22.03 19.33 4.07
N ALA A 157 -22.13 18.31 3.24
CA ALA A 157 -21.34 17.11 3.49
C ALA A 157 -19.87 17.41 3.30
N PHE A 158 -19.55 18.26 2.35
CA PHE A 158 -18.18 18.61 2.08
C PHE A 158 -17.65 19.56 3.18
N GLU A 159 -18.48 20.46 3.66
CA GLU A 159 -18.06 21.30 4.79
C GLU A 159 -17.53 20.47 5.96
N ASN A 160 -18.18 19.35 6.25
CA ASN A 160 -17.77 18.47 7.32
C ASN A 160 -16.39 17.80 7.02
N ILE A 161 -16.20 17.34 5.77
CA ILE A 161 -14.89 16.75 5.39
C ILE A 161 -13.82 17.80 5.59
N LYS A 162 -14.07 18.99 5.09
CA LYS A 162 -13.06 20.03 5.07
C LYS A 162 -12.69 20.49 6.47
N ASN A 163 -13.71 20.67 7.33
CA ASN A 163 -13.47 21.01 8.71
C ASN A 163 -12.81 19.96 9.59
N LEU A 164 -13.09 18.67 9.33
CA LEU A 164 -12.33 17.63 10.02
C LEU A 164 -10.83 17.80 9.76
N ILE A 165 -10.48 17.93 8.48
CA ILE A 165 -9.07 18.07 8.08
C ILE A 165 -8.48 19.40 8.63
N LEU A 166 -9.22 20.50 8.48
CA LEU A 166 -8.71 21.80 8.89
C LEU A 166 -8.41 21.92 10.35
N VAL A 167 -9.36 21.45 11.16
CA VAL A 167 -9.23 21.44 12.60
C VAL A 167 -8.43 20.23 13.13
N GLY A 168 -8.69 19.08 12.57
CA GLY A 168 -8.13 17.84 13.08
C GLY A 168 -6.65 17.69 12.80
N TRP A 169 -6.15 18.31 11.75
CA TRP A 169 -4.73 18.16 11.42
C TRP A 169 -3.77 19.19 12.04
N ILE A 170 -4.29 20.17 12.78
CA ILE A 170 -3.48 21.20 13.44
C ILE A 170 -2.55 20.60 14.48
N ILE A 171 -3.03 19.57 15.15
CA ILE A 171 -2.20 18.90 16.17
C ILE A 171 -0.85 18.40 15.68
N TYR A 172 -0.73 18.07 14.39
CA TYR A 172 0.50 17.51 13.89
C TYR A 172 1.68 18.50 13.87
N PRO A 173 1.53 19.68 13.21
CA PRO A 173 2.59 20.67 13.27
C PRO A 173 2.80 21.21 14.69
N LEU A 174 1.74 21.28 15.48
CA LEU A 174 1.86 21.69 16.89
C LEU A 174 2.75 20.72 17.71
N GLY A 175 2.52 19.43 17.53
CA GLY A 175 3.36 18.44 18.13
C GLY A 175 4.80 18.54 17.65
N TYR A 176 5.00 18.94 16.39
CA TYR A 176 6.37 19.02 15.87
C TYR A 176 7.15 20.13 16.62
N ILE A 177 6.46 21.23 16.93
CA ILE A 177 7.07 22.44 17.61
C ILE A 177 7.23 22.25 19.12
N ALA A 178 6.32 21.50 19.71
CA ALA A 178 6.38 21.17 21.12
C ALA A 178 7.81 20.98 21.67
N PRO A 179 8.62 20.05 21.14
CA PRO A 179 9.96 19.79 21.69
C PRO A 179 10.87 21.01 21.92
N VAL A 180 10.77 22.04 21.10
CA VAL A 180 11.58 23.24 21.29
C VAL A 180 11.03 24.17 22.38
N VAL A 181 9.75 24.02 22.75
CA VAL A 181 9.26 24.63 24.00
C VAL A 181 9.80 23.83 25.19
N GLY A 182 9.78 22.51 25.13
CA GLY A 182 10.29 21.75 26.25
C GLY A 182 10.16 20.26 26.13
N ASP A 183 9.93 19.61 27.27
CA ASP A 183 9.87 18.17 27.34
C ASP A 183 8.42 17.75 27.09
N PHE A 184 8.17 17.11 25.96
CA PHE A 184 6.80 16.74 25.55
C PHE A 184 6.75 15.43 24.72
N ASP A 185 7.75 14.56 24.88
CA ASP A 185 7.92 13.34 24.06
C ASP A 185 6.84 12.28 24.29
N ALA A 186 6.51 12.06 25.55
CA ALA A 186 5.53 11.03 25.93
C ALA A 186 4.12 11.47 25.55
N ILE A 187 3.80 12.73 25.83
CA ILE A 187 2.49 13.25 25.52
C ILE A 187 2.21 13.41 24.02
N ARG A 188 3.22 13.80 23.24
CA ARG A 188 3.06 13.90 21.81
C ARG A 188 2.61 12.58 21.19
N GLU A 189 3.30 11.52 21.56
CA GLU A 189 2.94 10.19 21.12
C GLU A 189 1.49 9.84 21.37
N VAL A 190 1.02 10.17 22.58
CA VAL A 190 -0.35 9.93 23.00
C VAL A 190 -1.35 10.72 22.09
N LEU A 191 -1.03 11.99 21.88
CA LEU A 191 -1.94 12.89 21.17
C LEU A 191 -2.01 12.58 19.68
N TYR A 192 -0.86 12.25 19.11
CA TYR A 192 -0.79 11.81 17.72
C TYR A 192 -1.60 10.54 17.49
N THR A 193 -1.58 9.66 18.48
CA THR A 193 -2.29 8.40 18.36
C THR A 193 -3.78 8.63 18.37
N ILE A 194 -4.27 9.38 19.36
CA ILE A 194 -5.64 9.74 19.40
C ILE A 194 -6.05 10.47 18.12
N ALA A 195 -5.19 11.39 17.68
CA ALA A 195 -5.52 12.18 16.48
C ALA A 195 -5.66 11.34 15.26
N ASP A 196 -4.77 10.37 15.14
CA ASP A 196 -4.76 9.49 13.98
C ASP A 196 -6.10 8.73 13.88
N ILE A 197 -6.56 8.20 15.01
CA ILE A 197 -7.83 7.45 15.03
C ILE A 197 -8.97 8.30 14.56
N ILE A 198 -9.08 9.51 15.14
CA ILE A 198 -10.09 10.41 14.80
C ILE A 198 -10.03 10.90 13.37
N ASN A 199 -8.84 11.27 12.93
CA ASN A 199 -8.69 11.80 11.57
C ASN A 199 -8.92 10.73 10.48
N LYS A 200 -8.45 9.49 10.75
CA LYS A 200 -8.51 8.44 9.70
C LYS A 200 -9.89 7.78 9.66
N VAL A 201 -10.42 7.40 10.80
CA VAL A 201 -11.75 6.77 10.82
C VAL A 201 -12.79 7.82 10.54
N GLY A 202 -12.61 8.98 11.19
CA GLY A 202 -13.54 10.09 10.97
C GLY A 202 -13.66 10.49 9.52
N LEU A 203 -12.55 10.66 8.84
CA LEU A 203 -12.61 11.13 7.46
C LEU A 203 -13.25 10.10 6.58
N GLY A 204 -12.91 8.84 6.80
CA GLY A 204 -13.60 7.74 6.13
C GLY A 204 -15.11 7.79 6.29
N VAL A 205 -15.56 7.99 7.53
CA VAL A 205 -17.01 8.07 7.72
C VAL A 205 -17.64 9.22 6.97
N LEU A 206 -16.98 10.38 6.98
CA LEU A 206 -17.52 11.52 6.29
C LEU A 206 -17.44 11.39 4.78
N VAL A 207 -16.41 10.74 4.26
CA VAL A 207 -16.36 10.47 2.81
C VAL A 207 -17.53 9.53 2.43
N LEU A 208 -17.76 8.51 3.25
CA LEU A 208 -18.93 7.59 3.10
C LEU A 208 -20.20 8.40 3.07
N GLN A 209 -20.32 9.33 4.04
CA GLN A 209 -21.52 10.13 4.13
C GLN A 209 -21.68 10.99 2.84
N MET A 210 -20.64 11.61 2.31
CA MET A 210 -20.75 12.34 1.05
C MET A 210 -21.16 11.42 -0.12
N ALA A 211 -20.62 10.22 -0.12
CA ALA A 211 -20.93 9.21 -1.13
C ALA A 211 -22.42 8.83 -1.07
N ARG A 212 -22.97 8.76 0.15
CA ARG A 212 -24.37 8.46 0.36
C ARG A 212 -25.23 9.61 -0.23
N VAL A 213 -24.79 10.85 -0.01
CA VAL A 213 -25.47 12.00 -0.54
C VAL A 213 -25.42 11.98 -2.05
N GLN A 214 -24.26 11.67 -2.62
CA GLN A 214 -24.12 11.66 -4.06
C GLN A 214 -24.90 10.53 -4.67
N SER A 215 -25.12 9.46 -3.87
CA SER A 215 -25.98 8.31 -4.21
C SER A 215 -27.51 8.53 -4.13
N GLY A 216 -27.96 9.68 -3.64
CA GLY A 216 -29.39 10.02 -3.53
C GLY A 216 -30.06 9.35 -2.35
N GLU B 2 25.38 -17.76 4.71
CA GLU B 2 24.54 -16.67 5.29
C GLU B 2 24.81 -15.28 4.70
N GLU B 3 26.06 -15.00 4.34
CA GLU B 3 26.43 -13.71 3.70
C GLU B 3 25.79 -13.53 2.30
N LEU B 4 25.69 -14.63 1.55
CA LEU B 4 25.07 -14.59 0.23
C LEU B 4 23.61 -14.20 0.40
N THR B 5 22.94 -14.75 1.38
CA THR B 5 21.54 -14.41 1.55
C THR B 5 21.37 -12.90 1.81
N TYR B 6 22.21 -12.34 2.69
CA TYR B 6 22.25 -10.90 2.98
C TYR B 6 22.50 -10.07 1.74
N ARG B 7 23.53 -10.47 0.98
CA ARG B 7 23.92 -9.75 -0.22
C ARG B 7 22.80 -9.69 -1.29
N LEU B 8 22.15 -10.85 -1.52
CA LEU B 8 21.01 -10.88 -2.39
C LEU B 8 19.85 -9.98 -1.93
N PHE B 9 19.60 -9.85 -0.62
CA PHE B 9 18.53 -8.92 -0.15
C PHE B 9 18.85 -7.49 -0.58
N MET B 10 20.13 -7.10 -0.49
CA MET B 10 20.55 -5.75 -0.94
C MET B 10 20.50 -5.63 -2.44
N VAL B 11 20.94 -6.67 -3.17
CA VAL B 11 20.78 -6.62 -4.62
C VAL B 11 19.31 -6.44 -5.00
N ALA B 12 18.43 -7.20 -4.37
CA ALA B 12 16.99 -7.05 -4.63
C ALA B 12 16.48 -5.68 -4.27
N THR B 13 16.95 -5.15 -3.17
CA THR B 13 16.57 -3.81 -2.79
C THR B 13 16.89 -2.89 -3.94
N VAL B 14 18.09 -3.01 -4.54
CA VAL B 14 18.46 -2.06 -5.54
C VAL B 14 17.71 -2.28 -6.83
N GLY B 15 17.51 -3.55 -7.17
CA GLY B 15 16.72 -3.86 -8.35
C GLY B 15 15.28 -3.46 -8.28
N MET B 16 14.66 -3.62 -7.12
CA MET B 16 13.24 -3.25 -6.98
C MET B 16 13.05 -1.73 -7.14
N LEU B 17 13.93 -0.98 -6.49
CA LEU B 17 13.94 0.50 -6.67
C LEU B 17 14.16 0.86 -8.14
N ALA B 18 15.15 0.25 -8.79
CA ALA B 18 15.40 0.57 -10.22
C ALA B 18 14.17 0.28 -11.01
N GLY B 19 13.55 -0.88 -10.74
CA GLY B 19 12.32 -1.21 -11.43
C GLY B 19 11.25 -0.19 -11.16
N THR B 20 11.07 0.17 -9.91
CA THR B 20 10.06 1.19 -9.60
C THR B 20 10.29 2.49 -10.42
N VAL B 21 11.51 3.01 -10.35
CA VAL B 21 11.76 4.35 -10.98
C VAL B 21 11.69 4.19 -12.52
N PHE B 22 12.11 3.03 -13.05
CA PHE B 22 12.06 2.80 -14.49
C PHE B 22 10.62 2.85 -14.94
N LEU B 23 9.76 2.17 -14.20
CA LEU B 23 8.38 2.08 -14.59
C LEU B 23 7.67 3.40 -14.44
N LEU B 24 7.96 4.13 -13.36
CA LEU B 24 7.33 5.48 -13.20
C LEU B 24 7.79 6.41 -14.31
N ALA B 25 9.08 6.46 -14.56
CA ALA B 25 9.61 7.24 -15.71
C ALA B 25 8.94 6.87 -17.07
N SER B 26 8.89 5.58 -17.40
CA SER B 26 8.32 5.15 -18.71
C SER B 26 6.80 5.24 -18.84
N SER B 27 6.09 5.48 -17.73
CA SER B 27 4.63 5.64 -17.75
C SER B 27 4.16 6.82 -18.60
N ARG B 28 4.97 7.88 -18.67
CA ARG B 28 4.67 9.04 -19.51
C ARG B 28 4.69 8.63 -20.98
N GLU B 29 5.41 7.56 -21.31
CA GLU B 29 5.52 7.12 -22.69
C GLU B 29 4.27 6.39 -23.23
N VAL B 30 3.29 6.03 -22.40
CA VAL B 30 2.07 5.36 -22.91
C VAL B 30 0.83 6.21 -22.70
N LYS B 31 -0.19 5.94 -23.51
CA LYS B 31 -1.42 6.72 -23.50
C LYS B 31 -2.06 6.62 -22.09
N PRO B 32 -2.43 7.75 -21.49
CA PRO B 32 -3.09 7.73 -20.16
C PRO B 32 -4.10 6.62 -19.88
N GLU B 33 -4.92 6.26 -20.87
CA GLU B 33 -5.89 5.18 -20.67
C GLU B 33 -5.27 3.74 -20.49
N HIS B 34 -3.96 3.59 -20.66
CA HIS B 34 -3.28 2.30 -20.42
C HIS B 34 -2.18 2.43 -19.38
N ARG B 35 -2.15 3.52 -18.61
CA ARG B 35 -1.06 3.72 -17.62
C ARG B 35 -1.29 2.99 -16.32
N ARG B 36 -2.53 2.66 -16.04
CA ARG B 36 -2.93 2.08 -14.76
C ARG B 36 -2.06 0.86 -14.37
N GLY B 37 -2.02 -0.14 -15.24
CA GLY B 37 -1.14 -1.30 -15.07
C GLY B 37 0.30 -0.96 -14.79
N VAL B 38 0.82 0.06 -15.48
CA VAL B 38 2.21 0.49 -15.31
C VAL B 38 2.40 1.08 -13.91
N TYR B 39 1.40 1.86 -13.48
CA TYR B 39 1.43 2.48 -12.14
C TYR B 39 1.38 1.41 -11.03
N ILE B 40 0.50 0.45 -11.23
CA ILE B 40 0.38 -0.63 -10.22
C ILE B 40 1.70 -1.43 -10.19
N SER B 41 2.31 -1.62 -11.36
CA SER B 41 3.59 -2.30 -11.46
C SER B 41 4.69 -1.63 -10.66
N ALA B 42 4.79 -0.31 -10.76
CA ALA B 42 5.81 0.43 -10.02
C ALA B 42 5.48 0.31 -8.55
N LEU B 43 4.21 0.39 -8.20
CA LEU B 43 3.78 0.19 -6.78
C LEU B 43 4.27 -1.15 -6.19
N VAL B 44 4.01 -2.21 -6.95
CA VAL B 44 4.50 -3.57 -6.57
C VAL B 44 5.98 -3.54 -6.29
N CYS B 45 6.76 -2.97 -7.23
CA CYS B 45 8.21 -2.89 -7.08
C CYS B 45 8.63 -2.03 -5.91
N GLY B 46 7.89 -0.97 -5.67
CA GLY B 46 8.16 -0.12 -4.49
C GLY B 46 7.89 -0.73 -3.13
N ILE B 47 6.79 -1.43 -3.03
CA ILE B 47 6.48 -2.27 -1.86
C ILE B 47 7.57 -3.29 -1.62
N ALA B 48 7.97 -4.01 -2.69
CA ALA B 48 9.03 -4.97 -2.58
C ALA B 48 10.35 -4.32 -2.20
N TRP B 49 10.70 -3.18 -2.80
CA TRP B 49 11.89 -2.40 -2.41
C TRP B 49 11.92 -2.17 -0.86
N TYR B 50 10.82 -1.71 -0.32
CA TYR B 50 10.72 -1.46 1.14
C TYR B 50 10.86 -2.71 2.00
N HIS B 51 10.14 -3.77 1.62
CA HIS B 51 10.26 -5.01 2.35
C HIS B 51 11.64 -5.62 2.26
N TYR B 52 12.31 -5.56 1.11
CA TYR B 52 13.69 -6.14 1.06
C TYR B 52 14.70 -5.42 1.94
N GLN B 53 14.58 -4.09 1.98
CA GLN B 53 15.33 -3.35 3.01
C GLN B 53 15.03 -3.87 4.38
N LYS B 54 13.76 -4.08 4.75
CA LYS B 54 13.45 -4.59 6.10
C LYS B 54 13.94 -6.02 6.31
N MET B 55 13.95 -6.80 5.22
CA MET B 55 14.39 -8.19 5.30
C MET B 55 15.88 -8.18 5.56
N GLY B 56 16.61 -7.33 4.84
CA GLY B 56 18.07 -7.27 4.91
C GLY B 56 18.60 -6.82 6.23
N ALA B 57 17.90 -5.85 6.82
CA ALA B 57 18.19 -5.39 8.17
C ALA B 57 17.87 -6.45 9.21
N SER B 58 16.73 -7.10 9.06
CA SER B 58 16.30 -8.17 9.95
C SER B 58 17.23 -9.44 9.93
N TRP B 59 17.96 -9.66 8.83
CA TRP B 59 18.92 -10.78 8.65
C TRP B 59 20.32 -10.55 9.25
N GLU B 60 20.88 -9.35 9.06
CA GLU B 60 22.21 -9.04 9.61
C GLU B 60 22.19 -8.68 11.10
N SER B 61 20.99 -8.42 11.58
CA SER B 61 20.76 -8.17 12.99
C SER B 61 20.55 -9.44 13.80
N GLY B 62 20.27 -10.54 13.11
CA GLY B 62 20.10 -11.85 13.75
C GLY B 62 18.72 -12.05 14.32
N SER B 63 17.73 -11.81 13.52
CA SER B 63 16.35 -11.83 13.99
C SER B 63 15.39 -12.16 12.87
N TYR B 64 15.87 -12.91 11.87
CA TYR B 64 15.22 -12.90 10.55
C TYR B 64 13.82 -13.45 10.61
N ASP B 65 12.89 -12.55 10.31
CA ASP B 65 11.48 -12.82 10.25
C ASP B 65 11.08 -13.38 8.88
N THR B 66 10.94 -14.71 8.80
CA THR B 66 10.23 -15.33 7.68
C THR B 66 8.90 -14.59 7.35
N GLY B 67 8.17 -14.20 8.38
CA GLY B 67 7.02 -13.26 8.35
C GLY B 67 7.04 -12.07 7.36
N LEU B 68 8.19 -11.43 7.21
CA LEU B 68 8.27 -10.24 6.41
C LEU B 68 8.04 -10.61 4.93
N ARG B 69 8.42 -11.84 4.56
CA ARG B 69 8.23 -12.36 3.18
C ARG B 69 6.76 -12.43 2.90
N TYR B 70 6.00 -13.08 3.81
CA TYR B 70 4.62 -13.23 3.53
C TYR B 70 3.91 -11.94 3.58
N VAL B 71 4.36 -10.95 4.38
CA VAL B 71 3.65 -9.63 4.38
C VAL B 71 3.78 -9.00 3.04
N ASP B 72 4.94 -9.21 2.41
CA ASP B 72 5.17 -8.66 1.08
C ASP B 72 4.25 -9.35 0.12
N TRP B 73 4.21 -10.68 0.16
CA TRP B 73 3.43 -11.43 -0.83
C TRP B 73 1.96 -11.15 -0.73
N VAL B 74 1.43 -11.02 0.49
CA VAL B 74 0.02 -10.80 0.65
C VAL B 74 -0.43 -9.47 -0.01
N LEU B 75 0.45 -8.47 0.00
CA LEU B 75 0.17 -7.23 -0.76
C LEU B 75 0.47 -7.36 -2.24
N THR B 76 1.65 -7.85 -2.60
CA THR B 76 2.09 -7.70 -4.00
C THR B 76 1.45 -8.71 -4.95
N VAL B 77 1.11 -9.89 -4.46
CA VAL B 77 0.59 -10.96 -5.35
C VAL B 77 -0.78 -10.60 -5.85
N PRO B 78 -1.64 -10.08 -4.95
CA PRO B 78 -2.91 -9.63 -5.50
C PRO B 78 -2.73 -8.50 -6.46
N LEU B 79 -1.86 -7.56 -6.12
CA LEU B 79 -1.58 -6.43 -7.04
C LEU B 79 -1.00 -6.88 -8.36
N MET B 80 -0.15 -7.91 -8.34
CA MET B 80 0.38 -8.37 -9.63
C MET B 80 -0.76 -8.85 -10.54
N PHE B 81 -1.75 -9.57 -9.99
CA PHE B 81 -2.95 -9.93 -10.78
C PHE B 81 -3.68 -8.67 -11.31
N VAL B 82 -3.74 -7.66 -10.44
CA VAL B 82 -4.37 -6.41 -10.78
C VAL B 82 -3.65 -5.72 -11.93
N GLU B 83 -2.31 -5.62 -11.88
CA GLU B 83 -1.48 -5.12 -13.02
C GLU B 83 -1.91 -5.72 -14.33
N VAL B 84 -2.09 -7.04 -14.30
CA VAL B 84 -2.40 -7.78 -15.50
C VAL B 84 -3.83 -7.49 -15.94
N LEU B 85 -4.78 -7.60 -15.01
CA LEU B 85 -6.19 -7.26 -15.32
C LEU B 85 -6.37 -5.82 -15.83
N ALA B 86 -5.59 -4.88 -15.29
CA ALA B 86 -5.66 -3.50 -15.77
C ALA B 86 -5.23 -3.31 -17.22
N VAL B 87 -4.49 -4.24 -17.83
CA VAL B 87 -4.19 -4.11 -19.26
C VAL B 87 -5.10 -5.02 -20.09
N THR B 88 -5.75 -6.00 -19.47
CA THR B 88 -6.64 -6.88 -20.20
C THR B 88 -8.11 -6.49 -20.11
N ARG B 89 -8.47 -5.64 -19.14
CA ARG B 89 -9.88 -5.28 -18.92
C ARG B 89 -10.02 -3.84 -18.53
N LYS B 90 -11.27 -3.39 -18.51
CA LYS B 90 -11.61 -2.07 -18.06
C LYS B 90 -13.06 -2.15 -17.60
N GLY B 91 -13.50 -1.16 -16.83
CA GLY B 91 -14.91 -1.09 -16.39
C GLY B 91 -15.31 -2.10 -15.31
N ALA B 92 -16.58 -2.51 -15.36
CA ALA B 92 -17.15 -3.49 -14.40
C ALA B 92 -16.41 -4.83 -14.41
N ALA B 93 -16.11 -5.35 -15.59
CA ALA B 93 -15.35 -6.61 -15.71
C ALA B 93 -13.95 -6.57 -14.98
N TYR B 94 -13.22 -5.48 -15.13
CA TYR B 94 -12.01 -5.20 -14.37
C TYR B 94 -12.25 -5.19 -12.86
N ASN B 95 -13.23 -4.41 -12.41
CA ASN B 95 -13.59 -4.34 -10.98
C ASN B 95 -14.02 -5.68 -10.41
N GLU B 96 -14.73 -6.48 -11.20
CA GLU B 96 -15.08 -7.84 -10.80
C GLU B 96 -13.90 -8.83 -10.69
N ALA B 97 -13.04 -8.82 -11.70
CA ALA B 97 -11.88 -9.70 -11.64
C ALA B 97 -10.97 -9.27 -10.50
N VAL B 98 -10.87 -7.97 -10.29
CA VAL B 98 -9.98 -7.42 -9.27
C VAL B 98 -10.38 -7.91 -7.91
N ARG B 99 -11.70 -7.88 -7.65
CA ARG B 99 -12.26 -8.39 -6.42
C ARG B 99 -12.04 -9.90 -6.36
N ASN B 100 -12.43 -10.61 -7.41
CA ASN B 100 -12.51 -12.06 -7.34
C ASN B 100 -11.12 -12.69 -7.34
N TRP B 101 -10.27 -12.23 -8.23
CA TRP B 101 -8.92 -12.77 -8.30
C TRP B 101 -8.10 -12.25 -7.13
N GLY B 102 -8.37 -11.04 -6.67
CA GLY B 102 -7.65 -10.41 -5.56
C GLY B 102 -7.86 -11.17 -4.27
N ILE B 103 -9.11 -11.58 -4.05
CA ILE B 103 -9.49 -12.38 -2.90
C ILE B 103 -8.83 -13.73 -3.02
N ALA B 104 -8.93 -14.37 -4.18
CA ALA B 104 -8.28 -15.66 -4.37
C ALA B 104 -6.77 -15.63 -4.09
N ALA B 105 -6.09 -14.59 -4.51
CA ALA B 105 -4.63 -14.49 -4.30
C ALA B 105 -4.32 -14.27 -2.86
N THR B 106 -5.17 -13.53 -2.19
CA THR B 106 -5.03 -13.34 -0.75
C THR B 106 -5.16 -14.60 0.02
N VAL B 107 -6.19 -15.37 -0.29
CA VAL B 107 -6.42 -16.70 0.31
C VAL B 107 -5.26 -17.62 0.08
N MET B 108 -4.76 -17.66 -1.16
CA MET B 108 -3.55 -18.47 -1.45
C MET B 108 -2.38 -18.15 -0.49
N ILE B 109 -2.08 -16.85 -0.32
CA ILE B 109 -0.91 -16.47 0.50
C ILE B 109 -1.20 -16.73 1.97
N GLY B 110 -2.39 -16.44 2.40
CA GLY B 110 -2.84 -16.73 3.80
C GLY B 110 -2.81 -18.21 4.16
N ALA B 111 -3.27 -19.07 3.25
CA ALA B 111 -3.18 -20.53 3.43
C ALA B 111 -1.75 -20.92 3.54
N GLY B 112 -0.93 -20.28 2.71
CA GLY B 112 0.49 -20.52 2.71
C GLY B 112 1.07 -20.21 4.08
N TYR B 113 0.72 -19.05 4.60
CA TYR B 113 1.31 -18.55 5.85
C TYR B 113 0.83 -19.46 6.98
N TYR B 114 -0.46 -19.75 6.95
CA TYR B 114 -1.03 -20.82 7.81
C TYR B 114 -0.20 -22.09 7.91
N GLY B 115 0.21 -22.63 6.78
CA GLY B 115 1.02 -23.84 6.77
C GLY B 115 2.47 -23.66 7.12
N GLU B 116 3.02 -22.55 6.67
CA GLU B 116 4.40 -22.21 6.88
C GLU B 116 4.75 -22.03 8.37
N THR B 117 3.85 -21.46 9.13
CA THR B 117 4.07 -21.19 10.53
C THR B 117 3.84 -22.43 11.46
N SER B 118 3.67 -23.61 10.87
CA SER B 118 3.53 -24.85 11.60
C SER B 118 4.75 -25.67 11.33
N ALA B 119 4.84 -26.77 12.06
CA ALA B 119 5.84 -27.76 11.81
C ALA B 119 5.68 -28.29 10.38
N ALA B 120 6.80 -28.47 9.69
CA ALA B 120 6.80 -28.97 8.34
C ALA B 120 6.47 -30.46 8.37
N GLY B 121 5.69 -30.89 7.41
CA GLY B 121 5.10 -32.20 7.44
C GLY B 121 3.84 -32.31 8.27
N SER B 122 3.55 -31.33 9.13
CA SER B 122 2.36 -31.43 10.01
C SER B 122 1.08 -31.32 9.18
N ASN B 123 -0.06 -31.49 9.86
CA ASN B 123 -1.37 -31.44 9.26
C ASN B 123 -1.70 -30.03 8.75
N GLU B 124 -1.40 -29.02 9.58
CA GLU B 124 -1.61 -27.59 9.25
C GLU B 124 -0.85 -27.26 7.96
N TYR B 125 0.40 -27.68 7.95
CA TYR B 125 1.28 -27.61 6.78
C TYR B 125 0.69 -28.13 5.47
N TRP B 126 0.15 -29.38 5.50
CA TRP B 126 -0.49 -29.93 4.32
C TRP B 126 -1.79 -29.29 3.97
N THR B 127 -2.60 -28.91 4.96
CA THR B 127 -3.81 -28.24 4.71
C THR B 127 -3.49 -26.93 3.97
N GLY B 128 -2.49 -26.21 4.47
CA GLY B 128 -2.05 -24.91 3.87
C GLY B 128 -1.67 -25.10 2.42
N PHE B 129 -0.85 -26.11 2.20
CA PHE B 129 -0.36 -26.39 0.87
C PHE B 129 -1.51 -26.66 -0.06
N VAL B 130 -2.47 -27.49 0.40
CA VAL B 130 -3.50 -27.97 -0.50
C VAL B 130 -4.39 -26.84 -0.91
N ILE B 131 -4.83 -26.05 0.07
CA ILE B 131 -5.72 -24.94 -0.21
C ILE B 131 -5.04 -23.86 -1.10
N ALA B 132 -3.78 -23.54 -0.78
CA ALA B 132 -3.01 -22.55 -1.61
C ALA B 132 -2.75 -23.08 -3.05
N MET B 133 -2.40 -24.35 -3.16
CA MET B 133 -2.16 -24.99 -4.44
C MET B 133 -3.40 -25.00 -5.30
N ALA B 134 -4.57 -25.20 -4.69
CA ALA B 134 -5.78 -25.24 -5.45
C ALA B 134 -6.12 -23.85 -5.94
N THR B 135 -5.96 -22.88 -5.09
CA THR B 135 -6.16 -21.50 -5.47
C THR B 135 -5.12 -21.07 -6.57
N TYR B 136 -3.90 -21.56 -6.41
CA TYR B 136 -2.84 -21.26 -7.41
C TYR B 136 -3.29 -21.75 -8.78
N VAL B 137 -3.76 -22.97 -8.80
CA VAL B 137 -4.22 -23.58 -10.05
C VAL B 137 -5.42 -22.86 -10.61
N TRP B 138 -6.37 -22.52 -9.75
CA TRP B 138 -7.54 -21.76 -10.18
C TRP B 138 -7.08 -20.43 -10.81
N LEU B 139 -6.09 -19.77 -10.21
CA LEU B 139 -5.60 -18.53 -10.80
C LEU B 139 -4.87 -18.73 -12.14
N MET B 140 -4.04 -19.75 -12.27
CA MET B 140 -3.30 -19.96 -13.50
C MET B 140 -4.26 -20.27 -14.64
N ARG B 141 -5.29 -21.03 -14.36
CA ARG B 141 -6.38 -21.31 -15.32
C ARG B 141 -7.13 -20.09 -15.75
N ASN B 142 -7.48 -19.26 -14.79
CA ASN B 142 -8.02 -17.95 -15.13
C ASN B 142 -7.15 -17.08 -16.04
N LEU B 143 -5.87 -17.09 -15.75
CA LEU B 143 -4.92 -16.32 -16.49
C LEU B 143 -4.80 -16.85 -17.93
N GLN B 144 -4.69 -18.17 -18.09
CA GLN B 144 -4.73 -18.83 -19.42
C GLN B 144 -6.00 -18.47 -20.20
N ALA B 145 -7.16 -18.45 -19.54
CA ALA B 145 -8.41 -18.06 -20.19
C ALA B 145 -8.46 -16.59 -20.62
N GLU B 146 -7.75 -15.75 -19.88
CA GLU B 146 -7.73 -14.33 -20.17
C GLU B 146 -7.16 -13.99 -21.55
N GLY B 147 -6.34 -14.86 -22.14
CA GLY B 147 -5.78 -14.61 -23.45
C GLY B 147 -6.70 -14.93 -24.63
N GLU B 148 -7.71 -15.80 -24.41
CA GLU B 148 -8.62 -16.25 -25.50
C GLU B 148 -9.35 -15.04 -26.06
N GLY B 149 -9.33 -14.89 -27.39
CA GLY B 149 -9.97 -13.78 -28.07
C GLY B 149 -9.02 -12.70 -28.57
N LEU B 150 -7.83 -12.59 -27.94
CA LEU B 150 -6.86 -11.54 -28.34
C LEU B 150 -6.26 -11.87 -29.67
N LYS B 151 -5.82 -10.84 -30.36
CA LYS B 151 -5.37 -10.96 -31.73
C LYS B 151 -4.09 -10.22 -31.85
N GLY B 152 -3.32 -10.65 -32.86
CA GLY B 152 -2.14 -9.95 -33.32
C GLY B 152 -1.13 -9.70 -32.23
N ASP B 153 -0.60 -8.49 -32.23
CA ASP B 153 0.43 -8.05 -31.30
C ASP B 153 0.00 -8.02 -29.84
N GLN B 154 -1.29 -7.82 -29.57
CA GLN B 154 -1.76 -7.95 -28.21
C GLN B 154 -1.70 -9.40 -27.73
N ALA B 155 -2.04 -10.36 -28.58
CA ALA B 155 -1.99 -11.75 -28.21
C ALA B 155 -0.57 -12.17 -27.86
N VAL B 156 0.41 -11.62 -28.58
CA VAL B 156 1.78 -11.97 -28.42
C VAL B 156 2.26 -11.29 -27.11
N ALA B 157 1.90 -10.04 -26.90
CA ALA B 157 2.28 -9.34 -25.69
C ALA B 157 1.72 -10.02 -24.45
N PHE B 158 0.45 -10.43 -24.49
CA PHE B 158 -0.19 -11.13 -23.36
C PHE B 158 0.41 -12.51 -23.19
N GLU B 159 0.71 -13.21 -24.29
CA GLU B 159 1.41 -14.49 -24.15
C GLU B 159 2.71 -14.38 -23.27
N ASN B 160 3.52 -13.36 -23.48
CA ASN B 160 4.70 -13.15 -22.65
C ASN B 160 4.37 -12.91 -21.11
N ILE B 161 3.36 -12.13 -20.81
CA ILE B 161 2.95 -11.86 -19.40
C ILE B 161 2.46 -13.16 -18.78
N LYS B 162 1.63 -13.91 -19.50
CA LYS B 162 1.11 -15.17 -18.99
C LYS B 162 2.21 -16.19 -18.70
N ASN B 163 3.10 -16.35 -19.67
CA ASN B 163 4.22 -17.28 -19.50
C ASN B 163 5.22 -16.88 -18.46
N LEU B 164 5.46 -15.58 -18.27
CA LEU B 164 6.29 -15.21 -17.12
C LEU B 164 5.70 -15.69 -15.76
N ILE B 165 4.40 -15.49 -15.58
CA ILE B 165 3.74 -15.90 -14.32
C ILE B 165 3.70 -17.47 -14.25
N LEU B 166 3.30 -18.13 -15.32
CA LEU B 166 3.17 -19.63 -15.29
C LEU B 166 4.47 -20.31 -14.98
N VAL B 167 5.57 -19.85 -15.60
CA VAL B 167 6.86 -20.47 -15.42
C VAL B 167 7.50 -19.90 -14.22
N GLY B 168 7.42 -18.59 -14.08
CA GLY B 168 8.17 -17.90 -13.05
C GLY B 168 7.67 -18.11 -11.63
N TRP B 169 6.39 -18.40 -11.46
CA TRP B 169 5.83 -18.55 -10.10
C TRP B 169 5.92 -19.98 -9.56
N ILE B 170 6.35 -20.94 -10.39
CA ILE B 170 6.42 -22.37 -9.96
C ILE B 170 7.37 -22.51 -8.83
N ILE B 171 8.40 -21.70 -8.80
CA ILE B 171 9.39 -21.80 -7.71
C ILE B 171 8.83 -21.61 -6.31
N TYR B 172 7.74 -20.85 -6.16
CA TYR B 172 7.19 -20.64 -4.82
C TYR B 172 6.59 -21.89 -4.11
N PRO B 173 5.66 -22.60 -4.79
CA PRO B 173 5.23 -23.87 -4.21
C PRO B 173 6.30 -24.93 -4.09
N LEU B 174 7.23 -24.99 -5.04
CA LEU B 174 8.38 -25.83 -4.93
C LEU B 174 9.19 -25.64 -3.68
N GLY B 175 9.53 -24.39 -3.40
CA GLY B 175 10.20 -24.04 -2.17
C GLY B 175 9.45 -24.40 -0.93
N TYR B 176 8.12 -24.32 -0.98
CA TYR B 176 7.35 -24.63 0.21
C TYR B 176 7.47 -26.13 0.51
N ILE B 177 7.49 -26.90 -0.55
CA ILE B 177 7.54 -28.36 -0.45
C ILE B 177 8.93 -28.88 -0.13
N ALA B 178 9.95 -28.15 -0.59
CA ALA B 178 11.34 -28.54 -0.42
C ALA B 178 11.72 -29.19 0.91
N PRO B 179 11.39 -28.51 2.03
CA PRO B 179 11.89 -28.97 3.31
C PRO B 179 11.32 -30.30 3.84
N VAL B 180 10.17 -30.77 3.33
CA VAL B 180 9.71 -32.11 3.67
C VAL B 180 10.49 -33.18 2.88
N VAL B 181 11.08 -32.77 1.76
CA VAL B 181 12.03 -33.62 1.03
C VAL B 181 13.45 -33.58 1.59
N GLY B 182 13.80 -32.60 2.42
CA GLY B 182 15.14 -32.56 3.04
C GLY B 182 15.59 -31.18 3.47
N ASP B 183 16.91 -30.98 3.51
CA ASP B 183 17.50 -29.67 3.91
C ASP B 183 17.76 -28.63 2.79
N PHE B 184 16.68 -27.97 2.34
CA PHE B 184 16.74 -26.90 1.34
C PHE B 184 16.20 -25.59 1.93
N ASP B 185 16.79 -25.11 3.02
CA ASP B 185 16.29 -23.91 3.74
C ASP B 185 17.04 -22.61 3.35
N ALA B 186 18.36 -22.68 3.40
CA ALA B 186 19.21 -21.59 2.96
C ALA B 186 19.03 -21.33 1.45
N ILE B 187 18.91 -22.40 0.67
CA ILE B 187 18.81 -22.21 -0.77
C ILE B 187 17.45 -21.63 -1.17
N ARG B 188 16.41 -22.04 -0.50
CA ARG B 188 15.11 -21.46 -0.74
C ARG B 188 15.09 -19.95 -0.58
N GLU B 189 15.78 -19.42 0.43
CA GLU B 189 15.77 -17.98 0.66
C GLU B 189 16.50 -17.25 -0.48
N VAL B 190 17.61 -17.82 -0.95
CA VAL B 190 18.34 -17.29 -2.10
C VAL B 190 17.44 -17.31 -3.37
N LEU B 191 16.80 -18.44 -3.63
CA LEU B 191 16.01 -18.62 -4.89
C LEU B 191 14.77 -17.73 -4.95
N TYR B 192 14.07 -17.61 -3.84
CA TYR B 192 12.92 -16.74 -3.72
C TYR B 192 13.27 -15.28 -3.96
N THR B 193 14.44 -14.85 -3.52
CA THR B 193 14.87 -13.44 -3.73
C THR B 193 15.12 -13.18 -5.18
N ILE B 194 15.84 -14.10 -5.82
CA ILE B 194 16.06 -14.02 -7.24
C ILE B 194 14.79 -14.02 -8.06
N ALA B 195 13.93 -14.95 -7.72
CA ALA B 195 12.62 -15.06 -8.26
C ALA B 195 11.79 -13.79 -8.12
N ASP B 196 11.77 -13.22 -6.93
CA ASP B 196 10.99 -12.00 -6.71
C ASP B 196 11.44 -10.87 -7.61
N ILE B 197 12.75 -10.67 -7.70
CA ILE B 197 13.33 -9.64 -8.62
C ILE B 197 12.87 -9.89 -10.03
N ILE B 198 13.07 -11.13 -10.51
CA ILE B 198 12.66 -11.47 -11.89
C ILE B 198 11.18 -11.34 -12.12
N ASN B 199 10.38 -11.86 -11.19
CA ASN B 199 8.95 -11.87 -11.37
C ASN B 199 8.29 -10.46 -11.27
N LYS B 200 8.81 -9.61 -10.37
CA LYS B 200 8.16 -8.34 -10.16
C LYS B 200 8.68 -7.31 -11.14
N VAL B 201 9.98 -7.23 -11.39
CA VAL B 201 10.49 -6.26 -12.37
C VAL B 201 10.08 -6.66 -13.78
N GLY B 202 10.27 -7.95 -14.08
CA GLY B 202 9.83 -8.58 -15.32
C GLY B 202 8.41 -8.41 -15.69
N LEU B 203 7.50 -8.61 -14.74
CA LEU B 203 6.12 -8.50 -15.06
C LEU B 203 5.84 -7.02 -15.34
N GLY B 204 6.41 -6.12 -14.55
CA GLY B 204 6.22 -4.64 -14.79
C GLY B 204 6.62 -4.31 -16.20
N VAL B 205 7.81 -4.78 -16.59
CA VAL B 205 8.30 -4.53 -17.95
C VAL B 205 7.34 -5.02 -19.00
N LEU B 206 6.83 -6.24 -18.84
CA LEU B 206 5.95 -6.79 -19.80
C LEU B 206 4.58 -6.15 -19.79
N VAL B 207 4.10 -5.68 -18.62
CA VAL B 207 2.84 -4.90 -18.58
C VAL B 207 3.05 -3.55 -19.34
N LEU B 208 4.21 -2.94 -19.15
CA LEU B 208 4.60 -1.71 -19.85
C LEU B 208 4.63 -1.98 -21.35
N GLN B 209 5.13 -3.15 -21.78
CA GLN B 209 5.18 -3.50 -23.22
C GLN B 209 3.79 -3.69 -23.82
N MET B 210 2.92 -4.33 -23.10
CA MET B 210 1.54 -4.49 -23.54
C MET B 210 0.84 -3.09 -23.73
N ALA B 211 0.97 -2.25 -22.74
CA ALA B 211 0.44 -0.91 -22.73
C ALA B 211 0.93 -0.07 -23.88
N ARG B 212 2.20 -0.21 -24.25
CA ARG B 212 2.76 0.47 -25.43
C ARG B 212 2.06 -0.04 -26.70
N VAL B 213 1.93 -1.36 -26.85
CA VAL B 213 1.23 -1.96 -27.99
C VAL B 213 -0.17 -1.38 -28.11
N GLN B 214 -0.89 -1.41 -27.00
CA GLN B 214 -2.24 -0.84 -26.93
C GLN B 214 -2.28 0.67 -27.23
N SER B 215 -1.17 1.37 -26.98
CA SER B 215 -1.01 2.80 -27.28
C SER B 215 -0.59 3.15 -28.75
N GLY B 216 -0.11 2.16 -29.52
CA GLY B 216 0.23 2.34 -30.92
C GLY B 216 -0.95 1.91 -31.76
C13 LFA C . -0.36 -0.94 0.11
C14 LFA C . 0.56 0.11 0.71
C15 LFA C . 1.80 -0.59 1.27
C16 LFA C . 1.72 -0.89 2.77
C17 LFA C . 3.10 -1.12 3.35
C18 LFA C . 2.95 -1.43 4.84
C19 LFA C . 4.32 -1.45 5.51
C20 LFA C . 5.05 -2.66 5.04
C1 LFA D . -5.95 28.45 5.14
C2 LFA D . -5.89 27.69 6.45
C3 LFA D . -4.44 27.53 6.91
C4 LFA D . -4.44 26.85 8.26
C5 LFA D . -3.07 26.89 8.90
C6 LFA D . -3.18 26.52 10.39
C7 LFA D . -1.90 26.86 11.16
C8 LFA D . -1.62 25.94 12.35
C9 LFA D . -0.19 25.41 12.38
C10 LFA D . 0.30 25.13 13.80
C11 LFA D . 1.16 26.29 14.36
C12 LFA D . 2.65 26.13 14.08
C13 LFA D . 3.50 26.92 15.04
C14 LFA E . -13.21 8.46 17.61
C15 LFA E . -13.53 7.62 16.37
C16 LFA E . -13.68 8.47 15.12
C17 LFA E . -15.09 8.28 14.57
C1 LFA F . 7.57 29.74 9.85
C2 LFA F . 6.18 29.33 9.44
C3 LFA F . 6.09 28.72 8.05
C4 LFA F . 5.82 29.79 7.00
C5 LFA F . 5.45 29.24 5.63
C6 LFA F . 4.76 30.33 4.80
C7 LFA F . 3.84 29.81 3.71
C8 LFA F . 2.42 30.05 4.12
C1 LFA G . -11.95 4.25 19.42
C2 LFA G . -12.15 3.54 18.09
C3 LFA G . -13.55 3.82 17.53
C4 LFA G . -13.58 4.01 16.02
C5 LFA G . -13.92 2.71 15.31
C6 LFA G . -15.41 2.45 15.13
C7 LFA G . -15.82 2.28 13.65
C8 LFA G . -17.28 1.92 13.61
C1 LFA H . 9.05 6.67 -0.12
C2 LFA H . 8.12 7.37 -1.10
C3 LFA H . 6.67 6.92 -0.93
C4 LFA H . 5.67 7.63 -1.86
C5 LFA H . 4.25 7.68 -1.26
C6 LFA H . 3.06 7.75 -2.23
C7 LFA H . 1.83 6.91 -1.75
C8 LFA H . 1.57 5.57 -2.48
C9 LFA H . 0.33 4.91 -1.89
C10 LFA H . -0.14 3.55 -2.36
C3 LFA I . -8.29 15.67 16.75
C4 LFA I . -9.22 16.69 17.44
C5 LFA I . -10.73 16.57 17.11
C6 LFA I . -11.26 17.51 16.00
C7 LFA I . -12.57 17.03 15.34
C8 LFA I . -13.11 17.97 14.23
C9 LFA I . -14.62 17.81 13.90
C10 LFA I . -15.04 18.26 12.47
C11 LFA I . -16.54 18.18 12.10
C12 LFA I . -17.12 16.78 11.78
C13 LFA I . -18.65 16.78 11.97
C14 LFA I . -19.29 15.46 12.29
C15 LFA I . -20.79 15.56 12.62
C16 LFA I . -21.81 15.00 11.65
C1 LFA J . -2.29 -3.44 4.91
C2 LFA J . -3.41 -3.13 3.96
C3 LFA J . -4.75 -3.59 4.49
C4 LFA J . -5.84 -3.34 3.42
C5 LFA J . -7.26 -3.53 3.96
C6 LFA J . -8.31 -3.84 2.88
C7 LFA J . -8.64 -2.70 1.90
C8 LFA J . -8.75 -3.25 0.48
C9 LFA J . -9.39 -2.29 -0.50
C10 LFA J . -8.34 -1.66 -1.41
C11 LFA J . -8.98 -0.55 -2.20
C12 LFA J . -8.19 -0.09 -3.41
C13 LFA J . -8.67 1.27 -3.88
C14 LFA J . -8.98 1.44 -5.38
C15 LFA J . -10.44 1.82 -5.51
C8 LFA K . -8.95 24.40 17.63
C9 LFA K . -10.11 24.88 16.73
C10 LFA K . -11.52 24.66 17.33
C11 LFA K . -12.71 25.06 16.43
C12 LFA K . -13.18 26.50 16.63
C13 LFA K . -13.99 27.13 15.47
C14 LFA K . -13.59 28.56 15.08
C13 LFA L . -15.03 12.77 17.68
C14 LFA L . -14.73 13.42 16.31
C15 LFA L . -15.82 13.13 15.31
C16 LFA L . -15.30 13.04 13.87
C17 LFA L . -16.45 12.94 12.88
C18 LFA L . -17.19 11.61 12.83
C19 LFA L . -18.65 11.66 12.37
C11 LFA M . -4.64 -5.30 22.29
C12 LFA M . -5.09 -4.59 20.99
C13 LFA M . -4.31 -4.98 19.75
C14 LFA M . -5.26 -5.39 18.64
C16 LFA N . -7.68 28.07 -5.50
C17 LFA N . -7.16 28.76 -4.23
C18 LFA N . -5.90 28.11 -3.63
C19 LFA N . -4.66 28.99 -3.88
C20 LFA N . -3.36 28.36 -3.41
I IOD O . 5.30 -0.33 27.77
I IOD P . 8.80 16.23 22.39
I IOD Q . 19.25 22.69 6.04
I IOD R . 6.91 15.05 15.03
I IOD S . -14.38 17.76 -11.85
I IOD T . -4.37 20.75 -8.92
I IOD U . -13.80 1.81 -7.74
I IOD V . -18.65 21.28 10.19
I IOD W . -22.52 6.57 8.06
C9 OLC X . 9.83 11.26 -0.11
C8 OLC X . 9.86 10.29 1.04
C24 OLC X . 12.09 2.65 9.90
C7 OLC X . 10.07 11.09 2.31
C6 OLC X . 10.49 10.28 3.54
C5 OLC X . 9.37 10.20 4.58
C4 OLC X . 9.19 8.81 5.15
C3 OLC X . 10.40 8.35 5.91
C2 OLC X . 10.14 7.58 7.19
C21 OLC X . 12.09 4.43 8.16
C1 OLC X . 10.88 6.28 7.13
C22 OLC X . 12.71 3.98 9.47
O19 OLC X . 10.69 5.57 6.16
O25 OLC X . 10.79 2.87 10.46
O23 OLC X . 14.13 3.80 9.29
O20 OLC X . 11.79 5.82 8.15
C1 RET Y . 4.81 17.63 10.09
C2 RET Y . 6.08 18.52 10.17
C3 RET Y . 5.75 19.83 10.90
C4 RET Y . 4.88 20.60 9.91
C5 RET Y . 3.76 19.79 9.32
C6 RET Y . 3.64 18.43 9.54
C7 RET Y . 2.34 17.80 9.25
C8 RET Y . 1.94 16.55 9.48
C9 RET Y . 0.60 16.04 9.15
C10 RET Y . 0.36 14.71 9.44
C11 RET Y . -0.94 14.10 9.26
C12 RET Y . -1.11 12.86 9.60
C13 RET Y . -2.37 12.10 9.34
C14 RET Y . -2.27 10.79 9.69
C15 RET Y . -3.30 9.82 9.57
C16 RET Y . 5.10 16.52 9.08
C17 RET Y . 4.53 17.06 11.49
C18 RET Y . 2.67 20.67 8.75
C19 RET Y . -0.42 16.95 8.57
C20 RET Y . -3.60 12.75 8.73
C9 LFA Z . 14.61 -6.76 -16.63
C10 LFA Z . 14.01 -8.02 -15.99
C11 LFA Z . 14.45 -8.31 -14.54
C12 LFA Z . 15.71 -9.17 -14.50
C13 LFA Z . 16.15 -9.38 -13.06
C14 LFA Z . 17.36 -10.32 -12.94
C15 LFA Z . 18.22 -10.05 -11.70
C16 LFA Z . 18.57 -11.32 -10.96
C17 LFA Z . 19.44 -11.05 -9.71
C18 LFA Z . 20.78 -11.79 -9.78
C1 LFA AA . -3.03 -30.58 -4.26
C2 LFA AA . -3.79 -29.51 -5.05
C3 LFA AA . -5.16 -29.90 -5.62
C4 LFA AA . -5.37 -29.19 -6.98
C5 LFA AA . -6.82 -29.06 -7.47
C6 LFA AA . -7.05 -27.81 -8.33
C7 LFA AA . -8.06 -27.86 -9.52
C8 LFA AA . -8.57 -26.41 -9.85
C9 LFA AA . -9.56 -26.25 -11.03
C10 LFA AA . -9.76 -24.78 -11.44
C1 LFA BA . 14.55 -18.95 -9.97
C2 LFA BA . 13.24 -18.60 -10.66
C3 LFA BA . 13.48 -17.90 -12.00
C4 LFA BA . 12.27 -17.99 -12.93
C5 LFA BA . 12.38 -17.08 -14.14
C6 LFA BA . 11.85 -17.66 -15.45
C7 LFA BA . 11.58 -16.60 -16.52
C8 LFA BA . 10.31 -16.91 -17.36
C9 LFA BA . 10.32 -16.33 -18.79
C10 LFA BA . 8.96 -15.86 -19.32
C11 LFA BA . 8.92 -15.38 -20.79
C12 LFA BA . 9.09 -13.87 -20.99
C13 LFA BA . 9.97 -13.54 -22.22
C14 LFA BA . 9.82 -12.10 -22.65
C15 LFA BA . 10.95 -11.56 -23.54
C16 LFA BA . 10.39 -10.36 -24.26
C1 LFA CA . 6.56 1.80 0.75
C2 LFA CA . 5.81 1.67 -0.57
C3 LFA CA . 6.45 2.56 -1.62
C4 LFA CA . 5.40 2.96 -2.64
C5 LFA CA . 5.98 3.51 -3.93
C6 LFA CA . 4.87 3.47 -4.97
C7 LFA CA . 5.06 4.43 -6.14
C8 LFA CA . 3.98 4.17 -7.20
C9 LFA CA . 3.20 5.42 -7.61
C10 LFA CA . 1.81 5.42 -6.98
C11 LFA CA . 0.84 4.61 -7.83
C12 LFA CA . -0.34 4.06 -7.02
C13 LFA CA . -1.25 3.16 -7.86
C14 LFA CA . -2.12 3.97 -8.80
C15 LFA CA . -3.27 3.22 -9.43
C16 LFA CA . -4.55 3.44 -8.65
C10 LFA DA . -11.32 -23.79 -1.58
C11 LFA DA . -10.25 -23.65 -2.65
C12 LFA DA . -10.86 -23.83 -4.06
C13 LFA DA . -10.19 -22.98 -5.16
C14 LFA DA . -10.85 -21.60 -5.33
C1 LFA EA . 24.40 -4.18 -3.67
C2 LFA EA . 24.75 -3.58 -5.03
C3 LFA EA . 23.75 -3.96 -6.13
C4 LFA EA . 23.80 -3.08 -7.39
C5 LFA EA . 23.21 -3.73 -8.68
C6 LFA EA . 22.05 -4.75 -8.51
C7 LFA EA . 21.09 -4.80 -9.72
C8 LFA EA . 20.14 -6.03 -9.69
C9 LFA EA . 19.39 -6.28 -11.01
C10 LFA EA . 18.12 -5.43 -11.06
C11 LFA EA . 17.53 -5.24 -12.48
C12 LFA EA . 16.41 -4.19 -12.50
C13 LFA EA . 16.38 -3.35 -13.79
C14 LFA EA . 15.32 -2.24 -13.74
C15 LFA EA . 14.70 -1.82 -15.07
C1 LFA FA . -0.04 -8.29 9.76
C2 LFA FA . -1.14 -8.56 8.71
C3 LFA FA . -0.63 -8.33 7.28
C4 LFA FA . -1.53 -7.43 6.44
C5 LFA FA . -2.87 -8.11 6.14
C6 LFA FA . -3.48 -7.65 4.81
C7 LFA FA . -4.62 -8.58 4.37
C8 LFA FA . -5.35 -8.17 3.09
C9 LFA FA . -4.44 -7.67 1.97
C10 LFA FA . -5.14 -7.33 0.65
C11 LFA FA . -4.12 -7.06 -0.45
C12 LFA FA . -4.37 -5.82 -1.33
C13 LFA FA . -3.39 -4.70 -1.01
C14 LFA FA . -3.71 -3.39 -1.73
C15 LFA FA . -2.65 -2.34 -1.38
C16 LFA FA . -2.61 -1.15 -2.32
C1 LFA GA . 6.05 -9.21 9.84
C2 LFA GA . 5.51 -10.09 10.96
C3 LFA GA . 4.68 -11.23 10.40
C4 LFA GA . 3.26 -10.75 10.06
C5 LFA GA . 2.43 -11.87 9.45
C6 LFA GA . 1.98 -11.62 8.00
C7 LFA GA . 1.01 -12.68 7.47
C8 LFA GA . 0.34 -12.29 6.15
C9 LFA GA . -0.49 -13.39 5.50
C10 LFA GA . -1.88 -13.58 6.14
C11 LFA GA . -2.99 -13.01 5.27
C12 LFA GA . -4.36 -13.27 5.82
C13 LFA GA . -5.54 -12.93 4.90
C9 LFA HA . 0.90 -18.24 13.68
C10 LFA HA . -0.57 -18.28 13.28
C11 LFA HA . -0.87 -17.65 11.90
C12 LFA HA . -2.19 -18.15 11.36
C13 LFA HA . -2.52 -17.65 9.94
C14 LFA HA . -4.03 -17.63 9.69
C15 LFA HA . -4.34 -17.22 8.26
C16 LFA HA . -5.79 -16.85 8.12
C7 LFA IA . -4.61 -21.57 16.13
C8 LFA IA . -5.56 -21.97 15.00
C9 LFA IA . -5.80 -20.81 14.02
C10 LFA IA . -7.14 -20.91 13.30
C11 LFA IA . -7.10 -20.33 11.89
C12 LFA IA . -8.41 -20.58 11.16
C13 LFA IA . -9.22 -19.33 11.02
I IOD JA . 6.69 -1.33 8.84
I IOD KA . -5.71 -28.21 9.83
I IOD LA . 8.16 -19.46 9.70
I IOD MA . 20.43 -25.55 1.99
I IOD NA . 28.79 -13.57 -0.18
I IOD OA . 25.14 -11.24 7.27
I IOD PA . 28.17 -2.36 -2.35
I IOD QA . -2.69 9.44 -15.71
I IOD RA . -6.92 -1.78 -26.14
I IOD SA . 10.30 -1.54 -22.46
I IOD TA . -4.13 -12.45 -35.72
I IOD UA . -13.85 -13.20 -12.41
I IOD VA . -4.73 5.34 -13.39
C1 RET WA . 2.76 -20.75 -1.13
C2 RET WA . 2.24 -21.94 -0.27
C3 RET WA . 2.51 -23.27 -1.00
C4 RET WA . 1.57 -23.30 -2.17
C5 RET WA . 1.53 -22.01 -2.95
C6 RET WA . 2.24 -20.89 -2.57
C7 RET WA . 2.46 -19.86 -3.62
C8 RET WA . 3.16 -18.68 -3.48
C9 RET WA . 3.33 -17.70 -4.60
C10 RET WA . 4.07 -16.59 -4.30
C11 RET WA . 4.35 -15.53 -5.24
C12 RET WA . 5.08 -14.49 -4.87
C13 RET WA . 5.39 -13.34 -5.80
C14 RET WA . 6.09 -12.33 -5.23
C15 RET WA . 6.47 -11.09 -5.83
C16 RET WA . 2.18 -19.49 -0.47
C17 RET WA . 4.29 -20.71 -1.09
C18 RET WA . 0.85 -22.18 -4.28
C19 RET WA . 2.71 -18.00 -5.92
C20 RET WA . 4.86 -13.38 -7.19
#